data_5LJM
#
_entry.id   5LJM
#
_cell.length_a   43.480
_cell.length_b   51.140
_cell.length_c   56.290
_cell.angle_alpha   90.000
_cell.angle_beta   105.970
_cell.angle_gamma   90.000
#
_symmetry.space_group_name_H-M   'P 1 21 1'
#
loop_
_entity.id
_entity.type
_entity.pdbx_description
1 polymer 'Spermatogenesis-associated protein 2'
2 non-polymer GLYCEROL
3 water water
#
_entity_poly.entity_id   1
_entity_poly.type   'polypeptide(L)'
_entity_poly.pdbx_seq_one_letter_code
;GPMDTKFKDDLFRKYVQFHESKVDTTTSRQRPGSDECLRVAASTLLSLHKVDPFYRFRLIQFYEVVESSLRSLSSSSLRA
LHGAFSMLETVGINLFLYPWKKEFRSIKTYTGPFVYYVKSTLLEEDIRAILSCMGYTPELGTAYKLRELVETLQVKMVSF
ELFLAKVECEQMLEIHSQVKDKGYSELDIVSERKSSAEDVRGCSDALRRRAEGRE
;
_entity_poly.pdbx_strand_id   A
#
# COMPACT_ATOMS: atom_id res chain seq x y z
N GLY A 1 -1.88 -4.06 19.60
CA GLY A 1 -1.31 -5.39 19.66
C GLY A 1 -0.88 -5.90 18.29
N PRO A 2 -0.59 -7.19 18.19
CA PRO A 2 -0.13 -7.74 16.91
C PRO A 2 -1.28 -7.91 15.93
N MET A 3 -0.92 -8.04 14.66
CA MET A 3 -1.93 -8.33 13.64
C MET A 3 -2.55 -9.70 13.91
N ASP A 4 -3.85 -9.82 13.62
CA ASP A 4 -4.55 -11.08 13.81
C ASP A 4 -4.05 -12.08 12.76
N THR A 5 -3.29 -13.07 13.21
CA THR A 5 -2.64 -13.98 12.27
C THR A 5 -3.66 -14.85 11.56
N LYS A 6 -4.66 -15.37 12.27
CA LYS A 6 -5.67 -16.22 11.64
C LYS A 6 -6.42 -15.46 10.56
N PHE A 7 -6.89 -14.25 10.89
CA PHE A 7 -7.59 -13.43 9.91
C PHE A 7 -6.67 -13.10 8.73
N LYS A 8 -5.41 -12.73 9.02
CA LYS A 8 -4.49 -12.41 7.94
C LYS A 8 -4.22 -13.63 7.06
N ASP A 9 -3.92 -14.78 7.70
CA ASP A 9 -3.64 -15.98 6.93
C ASP A 9 -4.84 -16.38 6.09
N ASP A 10 -6.05 -16.28 6.63
CA ASP A 10 -7.23 -16.59 5.84
C ASP A 10 -7.39 -15.62 4.68
N LEU A 11 -7.14 -14.32 4.93
CA LEU A 11 -7.30 -13.35 3.86
C LEU A 11 -6.26 -13.56 2.78
N PHE A 12 -5.03 -13.86 3.17
CA PHE A 12 -3.98 -14.15 2.20
C PHE A 12 -4.36 -15.32 1.31
N ARG A 13 -4.80 -16.43 1.92
CA ARG A 13 -5.19 -17.59 1.13
C ARG A 13 -6.30 -17.26 0.15
N LYS A 14 -7.30 -16.46 0.59
CA LYS A 14 -8.38 -16.10 -0.32
C LYS A 14 -7.92 -15.13 -1.40
N TYR A 15 -6.96 -14.26 -1.07
CA TYR A 15 -6.41 -13.35 -2.06
C TYR A 15 -5.71 -14.12 -3.18
N VAL A 16 -4.85 -15.08 -2.82
CA VAL A 16 -4.16 -15.87 -3.83
C VAL A 16 -5.16 -16.68 -4.65
N GLN A 17 -6.13 -17.30 -3.97
CA GLN A 17 -7.14 -18.11 -4.66
C GLN A 17 -7.92 -17.26 -5.65
N PHE A 18 -8.33 -16.07 -5.23
CA PHE A 18 -9.08 -15.17 -6.11
C PHE A 18 -8.32 -14.93 -7.41
N HIS A 19 -7.03 -14.61 -7.32
CA HIS A 19 -6.26 -14.29 -8.52
C HIS A 19 -5.94 -15.51 -9.34
N GLU A 20 -5.75 -16.66 -8.70
CA GLU A 20 -5.49 -17.89 -9.45
C GLU A 20 -6.71 -18.37 -10.22
N SER A 21 -7.91 -17.99 -9.81
CA SER A 21 -9.11 -18.45 -10.51
C SER A 21 -9.29 -17.72 -11.84
N SER A 34 -13.94 -8.63 -9.46
CA SER A 34 -13.85 -7.52 -8.52
C SER A 34 -13.34 -7.98 -7.16
N ASP A 35 -12.36 -7.26 -6.62
CA ASP A 35 -11.75 -7.60 -5.34
C ASP A 35 -12.39 -6.85 -4.18
N GLU A 36 -13.60 -6.31 -4.38
CA GLU A 36 -14.22 -5.49 -3.34
C GLU A 36 -14.47 -6.28 -2.06
N CYS A 37 -14.92 -7.53 -2.19
CA CYS A 37 -15.10 -8.36 -1.00
C CYS A 37 -13.79 -8.60 -0.28
N LEU A 38 -12.70 -8.75 -1.03
CA LEU A 38 -11.39 -8.84 -0.40
C LEU A 38 -11.02 -7.52 0.27
N ARG A 39 -11.39 -6.39 -0.33
CA ARG A 39 -11.06 -5.09 0.25
CA ARG A 39 -11.05 -5.10 0.25
C ARG A 39 -11.82 -4.84 1.55
N VAL A 40 -13.07 -5.31 1.62
CA VAL A 40 -13.82 -5.18 2.87
C VAL A 40 -13.12 -5.95 3.97
N ALA A 41 -12.68 -7.17 3.67
CA ALA A 41 -11.94 -7.95 4.66
C ALA A 41 -10.64 -7.27 5.03
N ALA A 42 -9.92 -6.72 4.04
CA ALA A 42 -8.67 -6.03 4.34
C ALA A 42 -8.91 -4.82 5.23
N SER A 43 -9.96 -4.04 4.94
CA SER A 43 -10.29 -2.89 5.78
CA SER A 43 -10.27 -2.89 5.79
C SER A 43 -10.53 -3.32 7.23
N THR A 44 -11.22 -4.46 7.41
CA THR A 44 -11.41 -4.98 8.76
C THR A 44 -10.08 -5.37 9.38
N LEU A 45 -9.25 -6.10 8.64
CA LEU A 45 -7.98 -6.57 9.19
C LEU A 45 -7.13 -5.39 9.65
N LEU A 46 -7.11 -4.31 8.87
CA LEU A 46 -6.20 -3.20 9.15
C LEU A 46 -6.52 -2.48 10.46
N SER A 47 -7.73 -2.64 11.00
CA SER A 47 -8.10 -2.04 12.28
C SER A 47 -8.52 -3.07 13.31
N LEU A 48 -8.39 -4.36 12.98
CA LEU A 48 -8.99 -5.40 13.80
C LEU A 48 -8.23 -5.55 15.11
N HIS A 49 -8.98 -5.54 16.22
CA HIS A 49 -8.42 -5.74 17.55
C HIS A 49 -7.34 -4.71 17.88
N LYS A 50 -7.47 -3.51 17.32
CA LYS A 50 -6.52 -2.42 17.58
C LYS A 50 -5.09 -2.88 17.32
N VAL A 51 -4.88 -3.55 16.19
CA VAL A 51 -3.53 -3.83 15.74
C VAL A 51 -2.75 -2.53 15.68
N ASP A 52 -1.54 -2.53 16.20
CA ASP A 52 -0.75 -1.31 16.16
C ASP A 52 -0.40 -0.97 14.72
N PRO A 53 -0.41 0.31 14.36
CA PRO A 53 -0.09 0.68 12.97
C PRO A 53 1.25 0.13 12.52
N PHE A 54 2.20 0.00 13.43
CA PHE A 54 3.52 -0.50 13.09
C PHE A 54 3.56 -2.02 12.93
N TYR A 55 2.43 -2.71 13.09
CA TYR A 55 2.30 -4.13 12.77
C TYR A 55 1.38 -4.39 11.59
N ARG A 56 0.93 -3.35 10.89
CA ARG A 56 0.07 -3.56 9.73
C ARG A 56 0.84 -4.11 8.54
N PHE A 57 2.15 -3.83 8.46
CA PHE A 57 2.96 -4.19 7.31
C PHE A 57 4.27 -4.77 7.82
N ARG A 58 4.79 -5.78 7.10
CA ARG A 58 6.05 -6.40 7.43
C ARG A 58 7.06 -6.39 6.30
N LEU A 59 6.63 -6.11 5.07
CA LEU A 59 7.52 -6.12 3.92
C LEU A 59 7.67 -4.78 3.23
N ILE A 60 6.72 -3.86 3.41
CA ILE A 60 6.78 -2.53 2.84
C ILE A 60 6.78 -1.54 3.99
N GLN A 61 7.62 -0.51 3.89
CA GLN A 61 7.62 0.56 4.90
C GLN A 61 6.53 1.57 4.53
N PHE A 62 5.28 1.11 4.67
CA PHE A 62 4.13 1.82 4.12
C PHE A 62 4.07 3.31 4.52
N TYR A 63 4.02 3.62 5.82
CA TYR A 63 3.79 5.01 6.20
C TYR A 63 4.98 5.88 5.83
N GLU A 64 6.18 5.32 5.81
CA GLU A 64 7.36 6.08 5.41
C GLU A 64 7.33 6.40 3.92
N VAL A 65 6.98 5.40 3.10
CA VAL A 65 6.85 5.61 1.67
C VAL A 65 5.78 6.65 1.39
N VAL A 66 4.64 6.56 2.08
CA VAL A 66 3.55 7.50 1.88
C VAL A 66 3.99 8.91 2.24
N GLU A 67 4.63 9.08 3.39
CA GLU A 67 5.00 10.43 3.81
C GLU A 67 6.09 11.00 2.91
N SER A 68 7.04 10.16 2.47
CA SER A 68 8.05 10.61 1.51
C SER A 68 7.39 11.13 0.24
N SER A 69 6.41 10.38 -0.26
CA SER A 69 5.70 10.77 -1.47
C SER A 69 4.99 12.10 -1.27
N LEU A 70 4.20 12.22 -0.20
CA LEU A 70 3.40 13.42 0.00
C LEU A 70 4.27 14.65 0.24
N ARG A 71 5.44 14.46 0.86
CA ARG A 71 6.31 15.60 1.10
C ARG A 71 7.18 15.96 -0.10
N SER A 72 7.59 14.96 -0.90
CA SER A 72 8.66 15.15 -1.87
C SER A 72 8.21 15.22 -3.32
N LEU A 73 7.04 14.66 -3.66
CA LEU A 73 6.59 14.58 -5.05
C LEU A 73 5.30 15.38 -5.17
N SER A 74 5.38 16.50 -5.88
CA SER A 74 4.33 17.51 -5.76
C SER A 74 3.03 17.10 -6.43
N SER A 75 3.06 16.15 -7.36
CA SER A 75 1.82 15.71 -8.00
C SER A 75 1.07 14.69 -7.16
N SER A 76 1.65 14.26 -6.04
CA SER A 76 1.12 13.12 -5.29
C SER A 76 -0.03 13.52 -4.36
N SER A 77 -0.63 12.50 -3.76
CA SER A 77 -1.82 12.56 -2.93
C SER A 77 -2.10 11.12 -2.53
N LEU A 78 -3.04 10.93 -1.62
CA LEU A 78 -3.45 9.58 -1.29
C LEU A 78 -4.06 8.87 -2.49
N ARG A 79 -4.76 9.61 -3.34
CA ARG A 79 -5.28 9.03 -4.59
C ARG A 79 -4.14 8.55 -5.47
N ALA A 80 -3.11 9.38 -5.65
CA ALA A 80 -1.98 8.96 -6.47
C ALA A 80 -1.29 7.75 -5.85
N LEU A 81 -1.14 7.73 -4.53
CA LEU A 81 -0.50 6.58 -3.89
C LEU A 81 -1.32 5.32 -4.11
N HIS A 82 -2.65 5.43 -4.03
CA HIS A 82 -3.51 4.29 -4.34
C HIS A 82 -3.17 3.75 -5.72
N GLY A 83 -3.02 4.63 -6.71
CA GLY A 83 -2.71 4.18 -8.05
C GLY A 83 -1.35 3.54 -8.17
N ALA A 84 -0.34 4.10 -7.50
CA ALA A 84 1.00 3.51 -7.55
C ALA A 84 1.01 2.12 -6.91
N PHE A 85 0.41 1.97 -5.74
CA PHE A 85 0.38 0.66 -5.11
C PHE A 85 -0.42 -0.33 -5.94
N SER A 86 -1.50 0.13 -6.59
CA SER A 86 -2.28 -0.76 -7.43
CA SER A 86 -2.28 -0.77 -7.43
C SER A 86 -1.44 -1.27 -8.60
N MET A 87 -0.70 -0.37 -9.25
CA MET A 87 0.12 -0.79 -10.38
C MET A 87 1.19 -1.77 -9.94
N LEU A 88 1.84 -1.51 -8.80
CA LEU A 88 2.86 -2.44 -8.33
C LEU A 88 2.23 -3.76 -7.91
N GLU A 89 1.03 -3.72 -7.33
CA GLU A 89 0.36 -4.97 -7.00
C GLU A 89 0.15 -5.81 -8.25
N THR A 90 -0.24 -5.17 -9.35
CA THR A 90 -0.48 -5.90 -10.58
C THR A 90 0.81 -6.49 -11.15
N VAL A 91 1.93 -5.77 -11.01
CA VAL A 91 3.23 -6.36 -11.36
C VAL A 91 3.45 -7.66 -10.60
N GLY A 92 3.21 -7.62 -9.29
CA GLY A 92 3.42 -8.81 -8.48
C GLY A 92 2.48 -9.95 -8.88
N ILE A 93 1.20 -9.62 -9.11
CA ILE A 93 0.22 -10.66 -9.45
C ILE A 93 0.62 -11.35 -10.73
N ASN A 94 0.96 -10.57 -11.75
CA ASN A 94 1.38 -11.17 -13.02
C ASN A 94 2.60 -12.04 -12.82
N LEU A 95 3.52 -11.63 -11.96
CA LEU A 95 4.73 -12.43 -11.77
C LEU A 95 4.42 -13.75 -11.08
N PHE A 96 3.56 -13.76 -10.05
CA PHE A 96 3.32 -15.05 -9.40
C PHE A 96 2.39 -15.95 -10.21
N LEU A 97 1.53 -15.39 -11.06
CA LEU A 97 0.67 -16.22 -11.91
C LEU A 97 1.40 -16.74 -13.14
N TYR A 98 2.33 -15.95 -13.71
CA TYR A 98 2.92 -16.26 -15.01
C TYR A 98 4.44 -16.06 -14.97
N PRO A 99 5.14 -16.67 -14.01
CA PRO A 99 6.57 -16.37 -13.83
C PRO A 99 7.46 -16.78 -15.00
N TRP A 100 6.97 -17.64 -15.91
CA TRP A 100 7.75 -18.11 -17.05
C TRP A 100 7.68 -17.18 -18.25
N LYS A 101 6.80 -16.18 -18.24
CA LYS A 101 6.62 -15.33 -19.41
C LYS A 101 7.66 -14.22 -19.46
N LYS A 102 8.28 -14.04 -20.62
CA LYS A 102 9.34 -13.05 -20.77
C LYS A 102 8.88 -11.67 -20.37
N GLU A 103 7.60 -11.34 -20.63
CA GLU A 103 7.12 -9.98 -20.34
C GLU A 103 6.98 -9.71 -18.86
N PHE A 104 7.10 -10.73 -18.00
CA PHE A 104 7.10 -10.52 -16.56
C PHE A 104 8.43 -10.88 -15.90
N ARG A 105 9.32 -11.59 -16.60
CA ARG A 105 10.67 -11.70 -16.10
C ARG A 105 11.49 -10.45 -16.40
N SER A 106 11.09 -9.67 -17.40
CA SER A 106 11.62 -8.34 -17.66
C SER A 106 10.44 -7.41 -17.83
N ILE A 107 10.36 -6.37 -17.00
CA ILE A 107 9.19 -5.50 -16.97
C ILE A 107 9.52 -4.14 -17.54
N LYS A 108 8.47 -3.43 -17.94
CA LYS A 108 8.57 -2.13 -18.58
C LYS A 108 8.34 -1.04 -17.53
N THR A 109 9.38 -0.28 -17.21
CA THR A 109 9.28 0.80 -16.24
C THR A 109 9.69 2.17 -16.75
N TYR A 110 10.60 2.25 -17.72
CA TYR A 110 11.12 3.56 -18.12
C TYR A 110 10.18 4.29 -19.07
N THR A 111 9.27 3.60 -19.73
CA THR A 111 8.25 4.21 -20.57
C THR A 111 6.89 3.64 -20.19
N GLY A 112 5.84 4.29 -20.67
CA GLY A 112 4.50 3.80 -20.48
C GLY A 112 3.87 4.24 -19.17
N PRO A 113 2.71 3.67 -18.86
CA PRO A 113 1.96 4.10 -17.68
C PRO A 113 2.72 3.96 -16.36
N PHE A 114 3.72 3.10 -16.27
CA PHE A 114 4.52 3.02 -15.06
C PHE A 114 5.12 4.38 -14.70
N VAL A 115 5.54 5.14 -15.71
CA VAL A 115 6.10 6.47 -15.45
C VAL A 115 5.03 7.35 -14.81
N TYR A 116 3.84 7.35 -15.39
CA TYR A 116 2.81 8.29 -14.98
C TYR A 116 2.27 7.95 -13.59
N TYR A 117 2.16 6.66 -13.27
CA TYR A 117 1.52 6.23 -12.03
C TYR A 117 2.50 5.98 -10.90
N VAL A 118 3.69 5.44 -11.18
CA VAL A 118 4.62 5.04 -10.13
C VAL A 118 5.78 6.03 -9.99
N LYS A 119 6.50 6.32 -11.07
CA LYS A 119 7.65 7.21 -10.96
C LYS A 119 7.23 8.61 -10.54
N SER A 120 5.99 9.01 -10.82
CA SER A 120 5.49 10.31 -10.41
C SER A 120 5.23 10.38 -8.90
N THR A 121 5.14 9.23 -8.23
CA THR A 121 4.49 9.13 -6.93
C THR A 121 5.35 8.52 -5.85
N LEU A 122 6.21 7.56 -6.19
CA LEU A 122 7.10 6.93 -5.21
C LEU A 122 8.54 7.30 -5.50
N LEU A 123 9.29 7.58 -4.43
CA LEU A 123 10.73 7.80 -4.58
C LEU A 123 11.38 6.60 -5.26
N GLU A 124 12.41 6.88 -6.06
CA GLU A 124 13.07 5.80 -6.80
CA GLU A 124 13.09 5.82 -6.80
C GLU A 124 13.56 4.71 -5.85
N GLU A 125 14.08 5.08 -4.70
CA GLU A 125 14.58 4.05 -3.81
CA GLU A 125 14.58 4.10 -3.74
C GLU A 125 13.45 3.20 -3.22
N ASP A 126 12.24 3.75 -3.11
CA ASP A 126 11.11 2.95 -2.63
C ASP A 126 10.60 2.02 -3.73
N ILE A 127 10.59 2.50 -4.98
CA ILE A 127 10.29 1.60 -6.09
C ILE A 127 11.26 0.44 -6.08
N ARG A 128 12.55 0.75 -5.96
CA ARG A 128 13.60 -0.27 -5.97
CA ARG A 128 13.57 -0.29 -5.99
C ARG A 128 13.37 -1.28 -4.86
N ALA A 129 13.10 -0.79 -3.64
CA ALA A 129 12.93 -1.68 -2.51
C ALA A 129 11.72 -2.59 -2.70
N ILE A 130 10.59 -2.02 -3.11
CA ILE A 130 9.38 -2.83 -3.30
C ILE A 130 9.62 -3.88 -4.37
N LEU A 131 10.20 -3.48 -5.51
CA LEU A 131 10.47 -4.43 -6.58
C LEU A 131 11.47 -5.50 -6.16
N SER A 132 12.42 -5.17 -5.28
CA SER A 132 13.38 -6.18 -4.85
CA SER A 132 13.39 -6.17 -4.82
C SER A 132 12.70 -7.28 -4.06
N CYS A 133 11.63 -6.97 -3.33
CA CYS A 133 10.95 -8.02 -2.58
C CYS A 133 10.35 -9.07 -3.51
N MET A 134 10.09 -8.71 -4.76
CA MET A 134 9.59 -9.65 -5.76
C MET A 134 10.71 -10.37 -6.50
N GLY A 135 11.96 -10.01 -6.25
CA GLY A 135 13.07 -10.59 -6.96
C GLY A 135 13.51 -9.81 -8.19
N TYR A 136 12.95 -8.62 -8.42
CA TYR A 136 13.39 -7.78 -9.52
C TYR A 136 14.56 -6.93 -9.06
N THR A 137 15.63 -6.94 -9.84
CA THR A 137 16.71 -5.99 -9.61
C THR A 137 16.95 -5.21 -10.88
N PRO A 138 17.38 -3.97 -10.78
CA PRO A 138 17.57 -3.14 -11.97
C PRO A 138 18.98 -3.24 -12.52
N GLU A 139 19.12 -2.76 -13.74
CA GLU A 139 20.42 -2.51 -14.36
C GLU A 139 20.40 -1.07 -14.82
N LEU A 140 21.44 -0.32 -14.46
CA LEU A 140 21.51 1.11 -14.74
C LEU A 140 20.26 1.83 -14.21
N GLY A 141 19.78 1.39 -13.04
CA GLY A 141 18.61 2.00 -12.44
C GLY A 141 17.31 1.74 -13.16
N THR A 142 17.33 0.93 -14.22
CA THR A 142 16.15 0.66 -15.04
CA THR A 142 16.11 0.64 -14.98
C THR A 142 16.19 -0.82 -15.43
N ALA A 143 15.37 -1.19 -16.40
CA ALA A 143 15.38 -2.54 -16.96
C ALA A 143 15.33 -3.60 -15.86
N TYR A 144 14.30 -3.48 -15.02
CA TYR A 144 14.11 -4.43 -13.92
C TYR A 144 13.92 -5.84 -14.48
N LYS A 145 14.66 -6.80 -13.92
CA LYS A 145 14.63 -8.17 -14.40
C LYS A 145 14.69 -9.13 -13.23
N LEU A 146 14.04 -10.28 -13.42
CA LEU A 146 14.07 -11.40 -12.49
C LEU A 146 15.28 -12.26 -12.87
N ARG A 147 16.37 -12.11 -12.14
CA ARG A 147 17.64 -12.72 -12.51
C ARG A 147 17.95 -14.01 -11.77
N GLU A 148 17.32 -14.24 -10.63
CA GLU A 148 17.41 -15.53 -9.94
C GLU A 148 16.09 -16.28 -10.11
N LEU A 149 16.10 -17.56 -9.73
CA LEU A 149 14.88 -18.34 -9.80
C LEU A 149 13.79 -17.65 -8.99
N VAL A 150 12.57 -17.67 -9.54
CA VAL A 150 11.47 -16.98 -8.88
C VAL A 150 11.19 -17.65 -7.54
N GLU A 151 10.71 -16.84 -6.60
CA GLU A 151 10.23 -17.28 -5.29
C GLU A 151 8.78 -16.85 -5.20
N THR A 152 7.88 -17.67 -5.75
CA THR A 152 6.50 -17.23 -5.90
C THR A 152 5.84 -16.91 -4.57
N LEU A 153 6.19 -17.63 -3.48
CA LEU A 153 5.57 -17.31 -2.21
C LEU A 153 5.95 -15.92 -1.75
N GLN A 154 7.22 -15.53 -1.94
CA GLN A 154 7.63 -14.18 -1.58
C GLN A 154 6.91 -13.16 -2.45
N VAL A 155 6.76 -13.45 -3.75
CA VAL A 155 6.05 -12.55 -4.64
C VAL A 155 4.60 -12.40 -4.20
N LYS A 156 3.94 -13.51 -3.86
CA LYS A 156 2.57 -13.45 -3.37
C LYS A 156 2.47 -12.61 -2.11
N MET A 157 3.42 -12.78 -1.19
CA MET A 157 3.35 -12.05 0.07
CA MET A 157 3.35 -12.05 0.08
C MET A 157 3.49 -10.56 -0.14
N VAL A 158 4.40 -10.13 -1.02
CA VAL A 158 4.58 -8.71 -1.31
CA VAL A 158 4.52 -8.69 -1.22
C VAL A 158 3.37 -8.16 -2.05
N SER A 159 2.87 -8.94 -3.01
CA SER A 159 1.65 -8.53 -3.71
C SER A 159 0.51 -8.30 -2.73
N PHE A 160 0.39 -9.20 -1.75
CA PHE A 160 -0.65 -9.08 -0.75
C PHE A 160 -0.47 -7.80 0.08
N GLU A 161 0.77 -7.45 0.42
CA GLU A 161 0.98 -6.22 1.16
C GLU A 161 0.75 -4.98 0.30
N LEU A 162 0.99 -5.07 -1.01
CA LEU A 162 0.62 -3.96 -1.88
C LEU A 162 -0.90 -3.81 -1.97
N PHE A 163 -1.61 -4.93 -1.91
CA PHE A 163 -3.07 -4.90 -1.80
C PHE A 163 -3.50 -4.20 -0.52
N LEU A 164 -2.89 -4.59 0.61
CA LEU A 164 -3.19 -3.93 1.87
C LEU A 164 -2.83 -2.45 1.82
N ALA A 165 -1.73 -2.12 1.13
CA ALA A 165 -1.32 -0.73 1.01
C ALA A 165 -2.36 0.10 0.27
N LYS A 166 -2.87 -0.42 -0.85
CA LYS A 166 -3.89 0.32 -1.59
C LYS A 166 -5.16 0.45 -0.76
N VAL A 167 -5.55 -0.60 -0.03
CA VAL A 167 -6.71 -0.50 0.85
C VAL A 167 -6.45 0.49 1.97
N GLU A 168 -5.25 0.49 2.54
CA GLU A 168 -4.95 1.43 3.62
C GLU A 168 -5.01 2.86 3.12
N CYS A 169 -4.65 3.09 1.86
CA CYS A 169 -4.88 4.41 1.28
C CYS A 169 -6.37 4.72 1.25
N GLU A 170 -7.20 3.72 0.92
CA GLU A 170 -8.64 3.90 0.95
C GLU A 170 -9.13 4.24 2.35
N GLN A 171 -8.57 3.59 3.37
CA GLN A 171 -8.96 3.88 4.75
C GLN A 171 -8.65 5.32 5.11
N MET A 172 -7.47 5.81 4.71
CA MET A 172 -7.10 7.18 5.05
C MET A 172 -7.89 8.19 4.25
N LEU A 173 -8.22 7.87 2.99
CA LEU A 173 -9.16 8.72 2.26
C LEU A 173 -10.49 8.82 2.99
N GLU A 174 -10.96 7.71 3.57
CA GLU A 174 -12.24 7.73 4.26
CA GLU A 174 -12.24 7.71 4.26
C GLU A 174 -12.16 8.52 5.57
N ILE A 175 -11.07 8.36 6.31
CA ILE A 175 -10.88 9.17 7.51
C ILE A 175 -10.98 10.64 7.15
N HIS A 176 -10.27 11.04 6.09
CA HIS A 176 -10.29 12.45 5.70
C HIS A 176 -11.70 12.89 5.33
N SER A 177 -12.41 12.07 4.56
CA SER A 177 -13.74 12.48 4.15
C SER A 177 -14.65 12.73 5.34
N GLN A 178 -14.43 12.01 6.45
CA GLN A 178 -15.29 12.14 7.62
C GLN A 178 -14.96 13.38 8.46
N VAL A 179 -13.84 14.06 8.17
CA VAL A 179 -13.47 15.27 8.90
C VAL A 179 -12.99 16.33 7.92
N LYS A 180 -13.64 16.40 6.75
CA LYS A 180 -13.12 17.17 5.64
C LYS A 180 -13.25 18.69 5.82
N ASP A 181 -14.05 19.14 6.78
CA ASP A 181 -14.35 20.56 6.97
CA ASP A 181 -14.32 20.57 6.94
C ASP A 181 -13.41 21.25 7.96
N LYS A 182 -12.39 20.55 8.47
CA LYS A 182 -11.59 21.09 9.56
C LYS A 182 -10.22 21.62 9.14
N GLY A 183 -9.89 21.57 7.85
CA GLY A 183 -8.66 22.14 7.36
C GLY A 183 -7.44 21.25 7.42
N TYR A 184 -7.61 19.96 7.70
CA TYR A 184 -6.47 19.06 7.79
C TYR A 184 -5.91 18.76 6.40
N SER A 185 -4.61 18.52 6.35
CA SER A 185 -3.98 18.00 5.14
C SER A 185 -4.01 16.48 5.17
N GLU A 186 -3.74 15.86 4.01
CA GLU A 186 -3.62 14.41 3.99
C GLU A 186 -2.48 13.95 4.90
N LEU A 187 -1.38 14.70 4.95
CA LEU A 187 -0.31 14.37 5.88
C LEU A 187 -0.81 14.32 7.32
N ASP A 188 -1.71 15.23 7.71
CA ASP A 188 -2.28 15.18 9.05
C ASP A 188 -3.05 13.89 9.28
N ILE A 189 -3.80 13.44 8.28
CA ILE A 189 -4.53 12.18 8.35
C ILE A 189 -3.55 11.02 8.54
N VAL A 190 -2.48 11.00 7.74
CA VAL A 190 -1.51 9.91 7.83
C VAL A 190 -0.92 9.84 9.24
N SER A 191 -0.60 11.00 9.82
CA SER A 191 0.00 10.99 11.15
CA SER A 191 -0.01 11.00 11.15
C SER A 191 -0.97 10.46 12.20
N GLU A 192 -2.26 10.80 12.10
CA GLU A 192 -3.22 10.22 13.03
C GLU A 192 -3.30 8.71 12.84
N ARG A 193 -3.36 8.25 11.59
CA ARG A 193 -3.56 6.84 11.32
C ARG A 193 -2.37 6.00 11.77
N LYS A 194 -1.16 6.53 11.64
CA LYS A 194 0.01 5.79 12.09
C LYS A 194 0.24 5.90 13.60
N SER A 195 -0.30 6.93 14.24
CA SER A 195 -0.10 7.14 15.68
C SER A 195 -1.14 6.42 16.52
N SER A 196 -2.35 6.29 16.01
CA SER A 196 -3.47 5.70 16.73
C SER A 196 -3.79 4.33 16.18
N ALA A 197 -4.22 3.43 17.06
CA ALA A 197 -4.69 2.11 16.66
C ALA A 197 -6.21 2.06 16.50
N GLU A 198 -6.87 3.21 16.53
CA GLU A 198 -8.31 3.25 16.38
C GLU A 198 -8.72 2.92 14.94
N ASP A 199 -9.99 2.55 14.78
CA ASP A 199 -10.54 2.30 13.46
C ASP A 199 -10.80 3.64 12.75
N VAL A 200 -11.39 3.57 11.56
CA VAL A 200 -11.55 4.76 10.73
C VAL A 200 -12.38 5.81 11.44
N ARG A 201 -13.53 5.41 11.98
CA ARG A 201 -14.36 6.37 12.67
C ARG A 201 -13.68 6.90 13.93
N GLY A 202 -12.92 6.06 14.63
CA GLY A 202 -12.19 6.53 15.79
C GLY A 202 -11.17 7.60 15.44
N CYS A 203 -10.41 7.39 14.35
CA CYS A 203 -9.42 8.37 13.92
C CYS A 203 -10.09 9.68 13.53
N SER A 204 -11.17 9.61 12.76
CA SER A 204 -11.86 10.83 12.34
CA SER A 204 -11.84 10.84 12.34
C SER A 204 -12.47 11.55 13.54
N ASP A 205 -13.05 10.79 14.48
CA ASP A 205 -13.59 11.42 15.68
C ASP A 205 -12.49 12.15 16.44
N ALA A 206 -11.33 11.52 16.60
CA ALA A 206 -10.23 12.16 17.30
C ALA A 206 -9.77 13.42 16.58
N LEU A 207 -9.68 13.36 15.25
CA LEU A 207 -9.30 14.54 14.48
C LEU A 207 -10.32 15.66 14.63
N ARG A 208 -11.61 15.32 14.60
CA ARG A 208 -12.65 16.33 14.78
CA ARG A 208 -12.63 16.34 14.77
C ARG A 208 -12.55 16.96 16.16
N ARG A 209 -12.50 16.13 17.21
CA ARG A 209 -12.41 16.65 18.58
CA ARG A 209 -12.43 16.68 18.56
C ARG A 209 -11.19 17.54 18.74
N ARG A 210 -10.05 17.14 18.20
CA ARG A 210 -8.85 17.95 18.32
C ARG A 210 -9.06 19.31 17.66
N ALA A 211 -9.65 19.33 16.48
CA ALA A 211 -9.92 20.58 15.78
C ALA A 211 -10.90 21.45 16.56
N GLU A 212 -11.86 20.84 17.25
CA GLU A 212 -12.82 21.55 18.07
C GLU A 212 -12.24 22.02 19.40
N GLY A 213 -11.01 21.61 19.74
CA GLY A 213 -10.41 21.99 21.00
C GLY A 213 -10.79 21.12 22.17
N ARG A 214 -11.31 19.92 21.92
CA ARG A 214 -11.81 19.05 22.96
C ARG A 214 -10.81 17.98 23.39
N GLU A 215 -9.61 17.98 22.83
CA GLU A 215 -8.54 17.07 23.26
C GLU A 215 -8.78 15.67 22.72
#